data_5D2G
#
_entry.id   5D2G
#
_cell.length_a   42.766
_cell.length_b   45.035
_cell.length_c   124.666
_cell.angle_alpha   90.00
_cell.angle_beta   90.00
_cell.angle_gamma   90.00
#
_symmetry.space_group_name_H-M   'P 21 21 21'
#
loop_
_entity.id
_entity.type
_entity.pdbx_description
1 polymer '4-oxalocrotonate decarboxylase NahK'
2 non-polymer 'MAGNESIUM ION'
3 non-polymer 1,2-ETHANEDIOL
4 non-polymer 'CHLORIDE ION'
5 non-polymer 'SULFATE ION'
6 non-polymer 'ACETATE ION'
7 water water
#
_entity_poly.entity_id   1
_entity_poly.type   'polypeptide(L)'
_entity_poly.pdbx_seq_one_letter_code
;MGHHHHHHENLYFQGHMASMNRTLTREQVLALAEHIENAELNVHDIGKVTNDFPEMTFADAYDVQWEIRRRKEARGNKIV
GLKMGLTSWAKMAQMGVETPIYGFLADYFSVPDGGVVDCSKLIHPKIEAEISVVTKAPLHGPGCHLGDVIAAIDYVIPTV
EVIDSRYENFKFDPISVVADNASSTRFITGGRMASLEEVDLRTLGVVMEKNGEVVELGAGAAVLGHPLSSVAMLANLLAE
RGEHIPAGTFIMTGGITAAVPVAPGDNITVRYQGLGSVSARFI
;
_entity_poly.pdbx_strand_id   A
#
loop_
_chem_comp.id
_chem_comp.type
_chem_comp.name
_chem_comp.formula
ACT non-polymer 'ACETATE ION' 'C2 H3 O2 -1'
CL non-polymer 'CHLORIDE ION' 'Cl -1'
EDO non-polymer 1,2-ETHANEDIOL 'C2 H6 O2'
MG non-polymer 'MAGNESIUM ION' 'Mg 2'
SO4 non-polymer 'SULFATE ION' 'O4 S -2'
#
# COMPACT_ATOMS: atom_id res chain seq x y z
N ASN A 21 -24.97 0.40 -6.19
CA ASN A 21 -23.84 -0.29 -5.59
C ASN A 21 -23.24 0.50 -4.42
N ARG A 22 -24.02 1.44 -3.89
CA ARG A 22 -23.58 2.25 -2.78
C ARG A 22 -24.70 2.33 -1.77
N THR A 23 -24.35 2.36 -0.48
CA THR A 23 -25.36 2.54 0.56
C THR A 23 -25.09 3.77 1.40
N LEU A 24 -23.88 4.34 1.29
CA LEU A 24 -23.57 5.54 2.08
C LEU A 24 -24.13 6.78 1.41
N THR A 25 -24.81 7.62 2.18
CA THR A 25 -25.16 8.93 1.66
C THR A 25 -23.89 9.75 1.57
N ARG A 26 -23.94 10.84 0.82
CA ARG A 26 -22.82 11.74 0.72
C ARG A 26 -22.37 12.23 2.10
N GLU A 27 -23.32 12.61 2.94
CA GLU A 27 -22.96 13.14 4.24
C GLU A 27 -22.24 12.09 5.10
N GLN A 28 -22.68 10.83 4.96
CA GLN A 28 -22.04 9.71 5.67
C GLN A 28 -20.62 9.44 5.17
N VAL A 29 -20.43 9.49 3.86
CA VAL A 29 -19.09 9.34 3.29
C VAL A 29 -18.16 10.40 3.87
N LEU A 30 -18.62 11.65 3.84
CA LEU A 30 -17.82 12.75 4.32
C LEU A 30 -17.50 12.59 5.81
N ALA A 31 -18.51 12.21 6.59
CA ALA A 31 -18.33 11.99 8.02
C ALA A 31 -17.40 10.81 8.27
N LEU A 32 -17.59 9.71 7.54
CA LEU A 32 -16.73 8.55 7.71
C LEU A 32 -15.30 8.84 7.36
N ALA A 33 -15.08 9.53 6.25
CA ALA A 33 -13.74 9.91 5.87
C ALA A 33 -13.09 10.76 6.97
N GLU A 34 -13.86 11.68 7.53
CA GLU A 34 -13.33 12.54 8.58
C GLU A 34 -12.99 11.70 9.80
N HIS A 35 -13.92 10.81 10.17
CA HIS A 35 -13.78 9.95 11.34
C HIS A 35 -12.54 9.09 11.21
N ILE A 36 -12.46 8.39 10.09
CA ILE A 36 -11.35 7.49 9.83
C ILE A 36 -10.02 8.22 9.74
N GLU A 37 -9.97 9.33 8.99
CA GLU A 37 -8.73 10.09 8.92
C GLU A 37 -8.34 10.62 10.31
N ASN A 38 -9.33 11.08 11.07
CA ASN A 38 -9.06 11.54 12.44
C ASN A 38 -8.41 10.48 13.31
N ALA A 39 -8.70 9.21 13.04
CA ALA A 39 -8.04 8.13 13.75
C ALA A 39 -6.56 8.14 13.43
N GLU A 40 -6.21 8.41 12.18
CA GLU A 40 -4.79 8.45 11.81
C GLU A 40 -4.12 9.69 12.38
N LEU A 41 -4.76 10.84 12.18
CA LEU A 41 -4.18 12.12 12.56
C LEU A 41 -4.01 12.25 14.06
N ASN A 42 -4.91 11.58 14.78
CA ASN A 42 -4.86 11.64 16.24
C ASN A 42 -4.30 10.37 16.85
N VAL A 43 -3.86 9.44 16.01
CA VAL A 43 -3.18 8.23 16.49
C VAL A 43 -4.07 7.52 17.51
N HIS A 44 -5.32 7.31 17.11
CA HIS A 44 -6.32 6.75 18.02
C HIS A 44 -7.10 5.69 17.26
N ASP A 45 -7.01 4.43 17.68
CA ASP A 45 -7.69 3.42 16.88
C ASP A 45 -9.22 3.40 17.12
N ILE A 46 -9.96 3.03 16.09
CA ILE A 46 -11.42 3.12 16.11
C ILE A 46 -12.02 1.77 15.74
N GLY A 47 -13.33 1.63 15.94
CA GLY A 47 -13.98 0.39 15.53
C GLY A 47 -14.10 0.38 14.02
N LYS A 48 -14.01 -0.79 13.41
CA LYS A 48 -14.12 -0.85 11.97
C LYS A 48 -15.47 -0.30 11.58
N VAL A 49 -15.49 0.49 10.51
CA VAL A 49 -16.67 1.27 10.18
C VAL A 49 -17.81 0.40 9.65
N THR A 50 -17.47 -0.79 9.15
CA THR A 50 -18.48 -1.73 8.70
C THR A 50 -19.30 -2.29 9.84
N ASN A 51 -18.87 -2.05 11.07
CA ASN A 51 -19.69 -2.44 12.22
C ASN A 51 -20.87 -1.51 12.42
N ASP A 52 -20.69 -0.24 12.07
CA ASP A 52 -21.77 0.73 12.19
C ASP A 52 -22.48 0.87 10.86
N PHE A 53 -21.76 0.60 9.78
CA PHE A 53 -22.36 0.66 8.44
C PHE A 53 -22.16 -0.66 7.71
N PRO A 54 -22.86 -1.70 8.16
CA PRO A 54 -22.63 -3.04 7.61
C PRO A 54 -22.96 -3.14 6.13
N GLU A 55 -23.83 -2.28 5.64
CA GLU A 55 -24.21 -2.33 4.22
C GLU A 55 -23.14 -1.75 3.30
N MET A 56 -22.11 -1.13 3.88
CA MET A 56 -21.04 -0.52 3.10
C MET A 56 -20.50 -1.47 2.03
N THR A 57 -20.38 -0.95 0.81
CA THR A 57 -19.86 -1.70 -0.31
C THR A 57 -18.43 -1.26 -0.55
N PHE A 58 -17.72 -1.93 -1.45
CA PHE A 58 -16.38 -1.47 -1.79
C PHE A 58 -16.44 -0.08 -2.43
N ALA A 59 -17.47 0.15 -3.24
CA ALA A 59 -17.64 1.47 -3.85
C ALA A 59 -17.77 2.53 -2.76
N ASP A 60 -18.61 2.25 -1.76
CA ASP A 60 -18.69 3.13 -0.59
C ASP A 60 -17.32 3.34 0.03
N ALA A 61 -16.58 2.25 0.23
CA ALA A 61 -15.28 2.33 0.90
C ALA A 61 -14.30 3.16 0.08
N TYR A 62 -14.30 2.96 -1.24
CA TYR A 62 -13.44 3.80 -2.07
C TYR A 62 -13.92 5.26 -2.08
N ASP A 63 -15.22 5.49 -2.03
CA ASP A 63 -15.72 6.86 -1.92
C ASP A 63 -15.13 7.51 -0.67
N VAL A 64 -15.13 6.76 0.42
CA VAL A 64 -14.56 7.25 1.67
C VAL A 64 -13.06 7.49 1.51
N GLN A 65 -12.34 6.51 0.97
CA GLN A 65 -10.91 6.66 0.82
C GLN A 65 -10.55 7.86 -0.04
N TRP A 66 -11.26 8.04 -1.15
CA TRP A 66 -10.90 9.15 -2.03
C TRP A 66 -11.27 10.48 -1.40
N GLU A 67 -12.29 10.47 -0.53
CA GLU A 67 -12.61 11.69 0.19
C GLU A 67 -11.51 11.98 1.21
N ILE A 68 -10.93 10.94 1.79
CA ILE A 68 -9.78 11.17 2.67
C ILE A 68 -8.64 11.78 1.85
N ARG A 69 -8.44 11.28 0.63
CA ARG A 69 -7.41 11.86 -0.22
C ARG A 69 -7.64 13.35 -0.40
N ARG A 70 -8.89 13.70 -0.67
CA ARG A 70 -9.26 15.10 -0.88
C ARG A 70 -9.08 15.92 0.37
N ARG A 71 -9.34 15.31 1.52
CA ARG A 71 -9.17 16.01 2.79
C ARG A 71 -7.69 16.37 2.91
N LYS A 72 -6.82 15.42 2.58
CA LYS A 72 -5.39 15.64 2.64
C LYS A 72 -4.93 16.66 1.61
N GLU A 73 -5.39 16.50 0.37
CA GLU A 73 -5.09 17.48 -0.67
C GLU A 73 -5.56 18.87 -0.28
N ALA A 74 -6.72 18.94 0.39
CA ALA A 74 -7.29 20.22 0.77
C ALA A 74 -6.43 20.93 1.81
N ARG A 75 -5.75 20.19 2.67
CA ARG A 75 -4.88 20.88 3.62
C ARG A 75 -3.44 20.99 3.09
N GLY A 76 -3.24 20.57 1.85
CA GLY A 76 -1.97 20.83 1.17
C GLY A 76 -1.01 19.67 0.98
N ASN A 77 -1.39 18.45 1.39
CA ASN A 77 -0.53 17.30 1.16
C ASN A 77 -0.50 16.98 -0.32
N LYS A 78 0.67 16.61 -0.83
CA LYS A 78 0.74 16.09 -2.19
C LYS A 78 0.39 14.61 -2.12
N ILE A 79 -0.31 14.11 -3.12
CA ILE A 79 -0.50 12.67 -3.22
C ILE A 79 0.62 12.16 -4.13
N VAL A 80 1.51 11.33 -3.58
CA VAL A 80 2.78 11.06 -4.25
C VAL A 80 2.85 9.65 -4.80
N GLY A 81 1.80 8.88 -4.62
CA GLY A 81 1.81 7.54 -5.17
C GLY A 81 0.60 6.73 -4.75
N LEU A 82 0.61 5.46 -5.14
CA LEU A 82 -0.48 4.53 -4.87
C LEU A 82 0.14 3.28 -4.30
N LYS A 83 -0.60 2.54 -3.48
CA LYS A 83 -0.10 1.28 -2.98
C LYS A 83 -1.15 0.19 -3.15
N MET A 84 -0.70 -1.06 -3.19
CA MET A 84 -1.61 -2.17 -3.34
C MET A 84 -1.71 -2.98 -2.07
N GLY A 85 -2.88 -3.60 -1.88
CA GLY A 85 -3.10 -4.48 -0.74
C GLY A 85 -3.71 -5.76 -1.27
N LEU A 86 -3.74 -6.81 -0.45
CA LEU A 86 -4.32 -8.10 -0.87
C LEU A 86 -3.80 -8.58 -2.23
N THR A 87 -2.48 -8.62 -2.38
CA THR A 87 -1.88 -8.97 -3.66
C THR A 87 -1.43 -10.41 -3.63
N SER A 88 -2.09 -11.19 -2.78
CA SER A 88 -1.87 -12.62 -2.71
C SER A 88 -3.17 -13.31 -3.09
N TRP A 89 -3.13 -14.19 -4.09
CA TRP A 89 -4.34 -14.91 -4.48
C TRP A 89 -4.95 -15.65 -3.29
N ALA A 90 -4.09 -16.27 -2.48
CA ALA A 90 -4.56 -17.03 -1.32
C ALA A 90 -5.25 -16.11 -0.32
N LYS A 91 -4.67 -14.92 -0.10
CA LYS A 91 -5.24 -14.00 0.87
C LYS A 91 -6.54 -13.42 0.34
N MET A 92 -6.58 -13.14 -0.96
CA MET A 92 -7.82 -12.68 -1.57
C MET A 92 -8.97 -13.63 -1.31
N ALA A 93 -8.72 -14.93 -1.51
CA ALA A 93 -9.75 -15.93 -1.33
C ALA A 93 -10.23 -15.98 0.11
N GLN A 94 -9.32 -15.84 1.03
CA GLN A 94 -9.59 -15.91 2.44
C GLN A 94 -10.28 -14.69 2.95
N MET A 95 -10.05 -13.58 2.28
CA MET A 95 -10.78 -12.35 2.57
C MET A 95 -12.05 -12.26 1.76
N GLY A 96 -12.36 -13.33 1.03
CA GLY A 96 -13.53 -13.38 0.17
C GLY A 96 -13.56 -12.37 -0.96
N VAL A 97 -12.40 -11.84 -1.36
CA VAL A 97 -12.37 -10.84 -2.43
C VAL A 97 -11.76 -11.40 -3.71
N GLU A 98 -12.06 -10.74 -4.82
CA GLU A 98 -11.71 -11.29 -6.12
C GLU A 98 -10.54 -10.55 -6.72
N THR A 99 -10.17 -9.42 -6.12
CA THR A 99 -9.07 -8.59 -6.64
C THR A 99 -8.34 -7.98 -5.47
N PRO A 100 -7.14 -7.43 -5.71
CA PRO A 100 -6.47 -6.65 -4.66
C PRO A 100 -7.24 -5.37 -4.37
N ILE A 101 -6.70 -4.58 -3.44
CA ILE A 101 -7.25 -3.28 -3.11
C ILE A 101 -6.12 -2.32 -3.24
N TYR A 102 -6.42 -1.03 -3.27
CA TYR A 102 -5.39 -0.02 -3.37
C TYR A 102 -5.68 1.12 -2.41
N GLY A 103 -4.66 1.95 -2.20
CA GLY A 103 -4.78 3.14 -1.41
C GLY A 103 -3.80 4.13 -1.99
N PHE A 104 -3.74 5.31 -1.39
CA PHE A 104 -2.89 6.36 -1.93
C PHE A 104 -1.79 6.64 -0.93
N LEU A 105 -0.71 7.26 -1.41
CA LEU A 105 0.37 7.68 -0.53
C LEU A 105 0.40 9.19 -0.50
N ALA A 106 0.46 9.76 0.69
CA ALA A 106 0.62 11.19 0.86
C ALA A 106 2.09 11.48 1.02
N ASP A 107 2.50 12.72 0.72
CA ASP A 107 3.92 13.10 0.79
C ASP A 107 4.55 12.80 2.15
N TYR A 108 3.84 13.13 3.22
CA TYR A 108 4.42 12.95 4.55
C TYR A 108 4.52 11.47 4.94
N PHE A 109 4.05 10.57 4.08
CA PHE A 109 4.19 9.14 4.38
C PHE A 109 5.64 8.77 4.14
N SER A 110 6.33 9.58 3.34
CA SER A 110 7.63 9.17 2.83
C SER A 110 8.73 9.27 3.87
N VAL A 111 9.55 8.23 3.93
CA VAL A 111 10.68 8.18 4.86
C VAL A 111 11.93 7.90 4.04
N PRO A 112 12.99 8.70 4.24
CA PRO A 112 14.22 8.39 3.49
C PRO A 112 14.85 7.08 3.95
N ASP A 113 15.53 6.39 3.03
CA ASP A 113 16.26 5.17 3.35
C ASP A 113 17.15 5.42 4.57
N GLY A 114 17.06 4.53 5.56
CA GLY A 114 17.83 4.69 6.79
C GLY A 114 17.22 5.66 7.78
N GLY A 115 16.09 6.25 7.39
CA GLY A 115 15.47 7.30 8.17
C GLY A 115 14.76 6.82 9.41
N VAL A 116 14.17 7.78 10.13
CA VAL A 116 13.48 7.49 11.37
C VAL A 116 11.97 7.44 11.21
N VAL A 117 11.36 6.47 11.85
CA VAL A 117 9.91 6.45 11.95
C VAL A 117 9.57 6.63 13.43
N ASP A 118 8.72 7.63 13.71
CA ASP A 118 8.31 7.96 15.07
C ASP A 118 7.06 7.15 15.40
N CYS A 119 7.22 6.10 16.19
CA CYS A 119 6.08 5.24 16.49
C CYS A 119 5.02 5.95 17.31
N SER A 120 5.39 7.03 17.99
CA SER A 120 4.38 7.75 18.76
C SER A 120 3.36 8.42 17.84
N LYS A 121 3.70 8.51 16.55
CA LYS A 121 2.77 9.02 15.56
C LYS A 121 1.96 7.90 14.90
N LEU A 122 2.19 6.67 15.34
CA LEU A 122 1.52 5.52 14.73
C LEU A 122 0.81 4.72 15.80
N ILE A 123 -0.14 3.88 15.40
CA ILE A 123 -0.95 3.13 16.37
C ILE A 123 -0.35 1.76 16.64
N HIS A 124 -0.35 0.91 15.63
CA HIS A 124 0.22 -0.41 15.78
C HIS A 124 0.86 -0.80 14.46
N PRO A 125 2.00 -0.17 14.16
CA PRO A 125 2.59 -0.31 12.81
C PRO A 125 3.22 -1.67 12.56
N LYS A 126 3.22 -2.04 11.29
CA LYS A 126 3.88 -3.24 10.81
C LYS A 126 4.59 -2.85 9.54
N ILE A 127 5.64 -3.58 9.20
CA ILE A 127 6.34 -3.29 7.96
C ILE A 127 6.21 -4.49 7.02
N GLU A 128 6.32 -4.23 5.73
CA GLU A 128 6.31 -5.29 4.75
C GLU A 128 7.25 -4.86 3.64
N ALA A 129 8.04 -5.79 3.12
CA ALA A 129 8.98 -5.50 2.04
C ALA A 129 8.25 -5.52 0.70
N GLU A 130 8.50 -4.51 -0.13
CA GLU A 130 7.84 -4.42 -1.41
C GLU A 130 8.79 -3.95 -2.50
N ILE A 131 8.33 -4.06 -3.73
CA ILE A 131 9.03 -3.44 -4.84
C ILE A 131 8.06 -2.40 -5.43
N SER A 132 8.54 -1.18 -5.59
CA SER A 132 7.72 -0.14 -6.18
C SER A 132 8.23 0.09 -7.58
N VAL A 133 7.38 0.65 -8.42
CA VAL A 133 7.79 1.04 -9.75
C VAL A 133 7.38 2.49 -9.94
N VAL A 134 8.03 3.16 -10.88
CA VAL A 134 7.58 4.46 -11.37
C VAL A 134 7.35 4.26 -12.86
N THR A 135 6.19 4.67 -13.35
CA THR A 135 5.86 4.43 -14.74
C THR A 135 6.36 5.59 -15.59
N LYS A 136 6.59 5.31 -16.88
CA LYS A 136 7.02 6.33 -17.83
C LYS A 136 5.97 6.51 -18.93
N ALA A 137 4.87 5.77 -18.80
CA ALA A 137 3.79 5.85 -19.79
C ALA A 137 2.49 5.60 -19.05
N PRO A 138 1.37 6.11 -19.60
CA PRO A 138 0.10 5.93 -18.88
C PRO A 138 -0.39 4.49 -19.02
N LEU A 139 -1.09 4.01 -18.01
CA LEU A 139 -1.73 2.70 -18.06
C LEU A 139 -3.21 2.86 -17.77
N HIS A 140 -4.05 2.16 -18.52
CA HIS A 140 -5.48 2.22 -18.24
C HIS A 140 -6.11 0.85 -18.42
N GLY A 141 -7.25 0.67 -17.76
CA GLY A 141 -8.06 -0.50 -17.95
C GLY A 141 -9.36 -0.08 -18.61
N PRO A 142 -10.31 -1.03 -18.74
CA PRO A 142 -10.15 -2.42 -18.27
C PRO A 142 -9.28 -3.27 -19.17
N GLY A 143 -8.81 -4.39 -18.64
CA GLY A 143 -8.07 -5.35 -19.44
C GLY A 143 -6.58 -5.09 -19.52
N CYS A 144 -6.09 -4.15 -18.71
CA CYS A 144 -4.65 -3.93 -18.60
C CYS A 144 -4.02 -5.22 -18.09
N HIS A 145 -2.82 -5.52 -18.56
CA HIS A 145 -2.14 -6.72 -18.14
C HIS A 145 -0.65 -6.50 -18.13
N LEU A 146 0.08 -7.57 -17.82
CA LEU A 146 1.52 -7.49 -17.62
C LEU A 146 2.25 -6.86 -18.81
N GLY A 147 1.88 -7.27 -20.02
CA GLY A 147 2.52 -6.76 -21.22
C GLY A 147 2.54 -5.23 -21.22
N ASP A 148 1.40 -4.64 -20.86
CA ASP A 148 1.24 -3.18 -20.84
C ASP A 148 2.10 -2.53 -19.78
N VAL A 149 2.08 -3.13 -18.60
CA VAL A 149 2.83 -2.60 -17.48
C VAL A 149 4.33 -2.63 -17.77
N ILE A 150 4.80 -3.75 -18.27
CA ILE A 150 6.22 -3.93 -18.59
C ILE A 150 6.71 -2.84 -19.52
N ALA A 151 5.93 -2.57 -20.56
CA ALA A 151 6.28 -1.50 -21.49
C ALA A 151 6.24 -0.10 -20.85
N ALA A 152 5.53 0.05 -19.73
CA ALA A 152 5.35 1.36 -19.10
C ALA A 152 6.27 1.65 -17.91
N ILE A 153 7.08 0.68 -17.51
CA ILE A 153 7.91 0.86 -16.32
C ILE A 153 9.15 1.69 -16.62
N ASP A 154 9.41 2.68 -15.77
CA ASP A 154 10.60 3.52 -15.91
C ASP A 154 11.71 2.86 -15.10
N TYR A 155 11.43 2.66 -13.82
CA TYR A 155 12.37 1.93 -12.97
C TYR A 155 11.63 1.31 -11.81
N VAL A 156 12.32 0.42 -11.10
CA VAL A 156 11.76 -0.18 -9.90
C VAL A 156 12.60 0.28 -8.74
N ILE A 157 12.00 0.28 -7.55
CA ILE A 157 12.75 0.74 -6.40
C ILE A 157 12.29 0.00 -5.16
N PRO A 158 13.26 -0.63 -4.46
CA PRO A 158 12.99 -1.31 -3.19
C PRO A 158 12.23 -0.36 -2.28
N THR A 159 11.14 -0.81 -1.68
CA THR A 159 10.38 0.03 -0.76
C THR A 159 9.81 -0.83 0.35
N VAL A 160 9.98 -0.39 1.59
CA VAL A 160 9.31 -1.03 2.70
C VAL A 160 8.11 -0.17 3.06
N GLU A 161 6.93 -0.77 3.17
CA GLU A 161 5.78 0.00 3.64
C GLU A 161 5.65 -0.17 5.14
N VAL A 162 5.29 0.92 5.82
CA VAL A 162 4.85 0.78 7.18
C VAL A 162 3.35 0.90 7.07
N ILE A 163 2.64 -0.17 7.44
CA ILE A 163 1.18 -0.10 7.41
C ILE A 163 0.70 -0.01 8.84
N ASP A 164 -0.47 0.60 9.02
CA ASP A 164 -0.96 0.82 10.36
C ASP A 164 -2.46 0.96 10.23
N SER A 165 -3.17 -0.15 10.39
CA SER A 165 -4.62 -0.08 10.36
C SER A 165 -5.05 0.82 11.50
N ARG A 166 -6.00 1.71 11.20
CA ARG A 166 -6.53 2.59 12.24
C ARG A 166 -7.62 1.90 13.05
N TYR A 167 -7.88 0.64 12.76
CA TYR A 167 -8.94 -0.06 13.46
C TYR A 167 -8.43 -0.81 14.67
N GLU A 168 -9.24 -0.88 15.71
CA GLU A 168 -8.87 -1.63 16.89
C GLU A 168 -9.14 -3.12 16.66
N ASN A 169 -9.87 -3.44 15.61
CA ASN A 169 -10.31 -4.82 15.39
C ASN A 169 -9.18 -5.74 14.98
N PHE A 170 -9.32 -7.01 15.34
CA PHE A 170 -8.31 -8.00 14.99
C PHE A 170 -8.44 -8.54 13.56
N LYS A 171 -9.61 -9.08 13.22
CA LYS A 171 -9.80 -9.69 11.91
C LYS A 171 -9.79 -8.64 10.80
N PHE A 172 -9.05 -8.94 9.73
CA PHE A 172 -9.03 -8.10 8.54
C PHE A 172 -10.44 -7.96 7.97
N ASP A 173 -10.82 -6.73 7.64
CA ASP A 173 -12.13 -6.44 7.08
C ASP A 173 -11.83 -5.60 5.84
N PRO A 174 -11.85 -6.22 4.65
CA PRO A 174 -11.36 -5.55 3.45
C PRO A 174 -12.09 -4.25 3.16
N ILE A 175 -13.39 -4.22 3.36
CA ILE A 175 -14.14 -2.98 3.08
C ILE A 175 -13.72 -1.86 4.04
N SER A 176 -13.65 -2.17 5.33
CA SER A 176 -13.13 -1.18 6.27
C SER A 176 -11.69 -0.78 5.94
N VAL A 177 -10.85 -1.75 5.56
CA VAL A 177 -9.46 -1.44 5.27
C VAL A 177 -9.32 -0.49 4.08
N VAL A 178 -10.12 -0.74 3.06
CA VAL A 178 -10.15 0.19 1.92
C VAL A 178 -10.49 1.60 2.37
N ALA A 179 -11.53 1.71 3.21
CA ALA A 179 -12.00 3.01 3.66
C ALA A 179 -10.88 3.69 4.44
N ASP A 180 -10.05 2.88 5.09
CA ASP A 180 -8.92 3.35 5.89
C ASP A 180 -7.68 3.44 5.00
N ASN A 181 -7.89 3.71 3.71
CA ASN A 181 -6.76 3.90 2.79
C ASN A 181 -5.78 2.74 2.77
N ALA A 182 -6.31 1.52 2.83
CA ALA A 182 -5.49 0.32 2.75
C ALA A 182 -4.37 0.33 3.79
N SER A 183 -4.69 0.91 4.95
CA SER A 183 -3.82 0.93 6.12
C SER A 183 -2.49 1.65 5.87
N SER A 184 -2.48 2.56 4.90
CA SER A 184 -1.22 3.18 4.55
C SER A 184 -0.82 4.15 5.63
N THR A 185 0.48 4.29 5.87
CA THR A 185 0.92 5.32 6.81
C THR A 185 2.34 5.84 6.58
N ARG A 186 3.29 4.96 6.25
CA ARG A 186 4.62 5.40 5.87
C ARG A 186 5.13 4.48 4.78
N PHE A 187 6.08 4.98 4.00
CA PHE A 187 6.81 4.12 3.09
C PHE A 187 8.25 4.59 3.04
N ILE A 188 9.16 3.63 2.96
CA ILE A 188 10.59 3.89 2.95
C ILE A 188 11.18 3.35 1.65
N THR A 189 11.50 4.23 0.71
CA THR A 189 12.18 3.80 -0.51
C THR A 189 13.67 3.69 -0.17
N GLY A 190 14.38 2.82 -0.87
CA GLY A 190 15.78 2.67 -0.56
C GLY A 190 16.44 1.67 -1.47
N GLY A 191 17.63 1.22 -1.09
CA GLY A 191 18.40 0.31 -1.90
C GLY A 191 18.73 1.00 -3.21
N ARG A 192 18.77 0.23 -4.29
CA ARG A 192 19.13 0.78 -5.60
C ARG A 192 17.97 0.65 -6.56
N MET A 193 17.74 1.70 -7.36
CA MET A 193 16.72 1.63 -8.39
C MET A 193 17.32 0.90 -9.57
N ALA A 194 16.47 0.19 -10.31
CA ALA A 194 16.95 -0.48 -11.51
C ALA A 194 15.90 -0.45 -12.60
N SER A 195 16.31 -0.64 -13.84
CA SER A 195 15.35 -0.79 -14.90
C SER A 195 14.90 -2.25 -14.92
N LEU A 196 13.81 -2.54 -15.63
CA LEU A 196 13.32 -3.92 -15.74
C LEU A 196 14.33 -4.83 -16.42
N GLU A 197 15.23 -4.25 -17.21
CA GLU A 197 16.27 -5.00 -17.88
C GLU A 197 17.20 -5.65 -16.86
N GLU A 198 17.43 -4.93 -15.75
CA GLU A 198 18.45 -5.32 -14.77
C GLU A 198 17.93 -6.26 -13.69
N VAL A 199 16.62 -6.44 -13.63
CA VAL A 199 16.00 -7.22 -12.55
C VAL A 199 14.99 -8.24 -13.05
N ASP A 200 14.94 -9.41 -12.41
CA ASP A 200 13.84 -10.31 -12.65
C ASP A 200 12.98 -10.28 -11.41
N LEU A 201 11.88 -9.54 -11.49
CA LEU A 201 11.04 -9.28 -10.33
C LEU A 201 10.43 -10.53 -9.72
N ARG A 202 10.05 -11.49 -10.56
CA ARG A 202 9.48 -12.73 -10.03
C ARG A 202 10.44 -13.46 -9.10
N THR A 203 11.73 -13.47 -9.44
CA THR A 203 12.73 -14.21 -8.66
C THR A 203 13.51 -13.31 -7.70
N LEU A 204 13.13 -12.03 -7.65
CA LEU A 204 13.79 -11.07 -6.77
C LEU A 204 13.64 -11.46 -5.31
N GLY A 205 14.71 -11.94 -4.71
CA GLY A 205 14.67 -12.37 -3.32
C GLY A 205 14.77 -11.21 -2.35
N VAL A 206 14.02 -11.33 -1.27
CA VAL A 206 13.96 -10.31 -0.25
C VAL A 206 14.14 -10.95 1.12
N VAL A 207 15.01 -10.36 1.94
CA VAL A 207 15.27 -10.84 3.28
C VAL A 207 15.00 -9.70 4.24
N MET A 208 14.02 -9.84 5.13
CA MET A 208 13.74 -8.78 6.10
C MET A 208 14.34 -9.12 7.45
N GLU A 209 15.16 -8.21 7.96
CA GLU A 209 15.77 -8.34 9.28
C GLU A 209 15.21 -7.25 10.16
N LYS A 210 14.99 -7.61 11.42
CA LYS A 210 14.59 -6.64 12.42
C LYS A 210 15.51 -6.88 13.58
N ASN A 211 16.23 -5.84 13.99
CA ASN A 211 17.16 -5.95 15.11
C ASN A 211 18.18 -7.04 14.92
N GLY A 212 18.59 -7.25 13.67
CA GLY A 212 19.59 -8.25 13.36
C GLY A 212 19.02 -9.62 13.06
N GLU A 213 17.74 -9.83 13.36
CA GLU A 213 17.09 -11.13 13.19
C GLU A 213 16.41 -11.25 11.84
N VAL A 214 16.76 -12.27 11.06
CA VAL A 214 16.01 -12.53 9.85
C VAL A 214 14.62 -12.95 10.31
N VAL A 215 13.62 -12.14 9.97
CA VAL A 215 12.25 -12.41 10.40
C VAL A 215 11.32 -12.87 9.27
N GLU A 216 11.55 -12.37 8.05
CA GLU A 216 10.75 -12.81 6.90
C GLU A 216 11.60 -12.95 5.64
N LEU A 217 11.24 -13.92 4.81
CA LEU A 217 11.83 -14.06 3.49
C LEU A 217 10.70 -13.97 2.48
N GLY A 218 11.03 -13.59 1.26
CA GLY A 218 10.03 -13.55 0.20
C GLY A 218 10.68 -13.40 -1.15
N ALA A 219 9.90 -13.63 -2.21
CA ALA A 219 10.38 -13.41 -3.56
C ALA A 219 9.30 -12.61 -4.24
N GLY A 220 9.67 -11.79 -5.23
CA GLY A 220 8.72 -10.89 -5.88
C GLY A 220 7.45 -11.58 -6.36
N ALA A 221 7.57 -12.84 -6.76
CA ALA A 221 6.41 -13.56 -7.28
C ALA A 221 5.31 -13.77 -6.22
N ALA A 222 5.61 -13.45 -4.97
CA ALA A 222 4.60 -13.59 -3.92
C ALA A 222 3.48 -12.57 -4.16
N VAL A 223 3.80 -11.56 -4.96
CA VAL A 223 2.81 -10.57 -5.38
C VAL A 223 2.17 -11.07 -6.66
N LEU A 224 1.07 -11.80 -6.51
CA LEU A 224 0.23 -12.25 -7.63
C LEU A 224 0.86 -13.28 -8.57
N GLY A 225 2.12 -13.64 -8.35
CA GLY A 225 2.83 -14.46 -9.32
C GLY A 225 3.78 -13.59 -10.15
N HIS A 226 3.52 -12.29 -10.10
CA HIS A 226 4.35 -11.30 -10.80
C HIS A 226 3.99 -9.93 -10.30
N PRO A 227 4.92 -9.26 -9.59
CA PRO A 227 4.62 -7.99 -8.93
C PRO A 227 4.08 -6.94 -9.90
N LEU A 228 4.53 -6.97 -11.15
CA LEU A 228 4.11 -5.95 -12.10
C LEU A 228 2.64 -6.11 -12.45
N SER A 229 2.11 -7.32 -12.28
CA SER A 229 0.69 -7.55 -12.55
C SER A 229 -0.19 -6.74 -11.61
N SER A 230 0.31 -6.46 -10.42
CA SER A 230 -0.41 -5.67 -9.44
CA SER A 230 -0.47 -5.69 -9.46
C SER A 230 -0.76 -4.29 -9.99
N VAL A 231 0.17 -3.76 -10.80
CA VAL A 231 0.01 -2.46 -11.43
C VAL A 231 -1.07 -2.52 -12.49
N ALA A 232 -1.13 -3.65 -13.21
CA ALA A 232 -2.20 -3.85 -14.16
C ALA A 232 -3.53 -3.94 -13.40
N MET A 233 -3.54 -4.63 -12.27
CA MET A 233 -4.79 -4.76 -11.52
C MET A 233 -5.18 -3.40 -11.01
N LEU A 234 -4.19 -2.61 -10.60
CA LEU A 234 -4.46 -1.25 -10.15
C LEU A 234 -5.12 -0.44 -11.26
N ALA A 235 -4.55 -0.50 -12.46
CA ALA A 235 -5.15 0.20 -13.60
C ALA A 235 -6.61 -0.25 -13.81
N ASN A 236 -6.85 -1.56 -13.72
CA ASN A 236 -8.19 -2.09 -13.93
C ASN A 236 -9.17 -1.69 -12.82
N LEU A 237 -8.68 -1.72 -11.58
CA LEU A 237 -9.47 -1.23 -10.47
C LEU A 237 -9.80 0.25 -10.64
N LEU A 238 -8.81 1.02 -11.06
CA LEU A 238 -9.00 2.47 -11.22
C LEU A 238 -9.98 2.72 -12.35
N ALA A 239 -9.91 1.90 -13.40
CA ALA A 239 -10.81 2.08 -14.54
C ALA A 239 -12.26 1.99 -14.13
N GLU A 240 -12.56 1.19 -13.09
CA GLU A 240 -13.92 1.03 -12.62
C GLU A 240 -14.47 2.36 -12.14
N ARG A 241 -13.57 3.25 -11.70
CA ARG A 241 -13.98 4.59 -11.28
C ARG A 241 -13.63 5.64 -12.32
N GLY A 242 -13.37 5.20 -13.54
CA GLY A 242 -13.03 6.10 -14.63
C GLY A 242 -11.72 6.83 -14.37
N GLU A 243 -10.78 6.13 -13.72
CA GLU A 243 -9.47 6.69 -13.47
C GLU A 243 -8.43 5.82 -14.13
N HIS A 244 -7.21 6.31 -14.26
CA HIS A 244 -6.14 5.51 -14.83
C HIS A 244 -4.82 5.80 -14.10
N ILE A 245 -3.73 5.21 -14.59
CA ILE A 245 -2.42 5.50 -14.00
C ILE A 245 -1.62 6.40 -14.93
N PRO A 246 -1.55 7.70 -14.60
CA PRO A 246 -0.79 8.63 -15.45
C PRO A 246 0.68 8.22 -15.51
N ALA A 247 1.39 8.61 -16.56
CA ALA A 247 2.84 8.37 -16.57
C ALA A 247 3.46 9.08 -15.38
N GLY A 248 4.50 8.50 -14.81
CA GLY A 248 5.22 9.18 -13.73
C GLY A 248 4.69 8.81 -12.37
N THR A 249 3.77 7.86 -12.31
CA THR A 249 3.16 7.46 -11.04
C THR A 249 4.01 6.43 -10.29
N PHE A 250 4.14 6.62 -8.97
CA PHE A 250 4.86 5.73 -8.09
C PHE A 250 3.87 4.74 -7.47
N ILE A 251 4.12 3.44 -7.65
CA ILE A 251 3.19 2.43 -7.17
C ILE A 251 3.91 1.40 -6.34
N MET A 252 3.47 1.19 -5.12
CA MET A 252 4.00 0.10 -4.30
C MET A 252 3.20 -1.14 -4.62
N THR A 253 3.86 -2.14 -5.18
CA THR A 253 3.15 -3.24 -5.81
C THR A 253 2.59 -4.30 -4.86
N GLY A 254 2.97 -4.26 -3.59
CA GLY A 254 2.40 -5.22 -2.65
C GLY A 254 3.39 -5.97 -1.81
N GLY A 255 2.87 -6.68 -0.82
CA GLY A 255 3.70 -7.33 0.20
C GLY A 255 4.40 -8.57 -0.32
N ILE A 256 5.72 -8.49 -0.44
CA ILE A 256 6.54 -9.65 -0.80
C ILE A 256 6.70 -10.56 0.42
N THR A 257 6.81 -9.93 1.59
CA THR A 257 6.89 -10.67 2.84
C THR A 257 5.60 -10.44 3.61
N ALA A 258 5.37 -11.28 4.62
CA ALA A 258 4.31 -11.01 5.59
C ALA A 258 4.63 -9.69 6.28
N ALA A 259 3.62 -9.11 6.92
CA ALA A 259 3.83 -7.85 7.63
C ALA A 259 4.35 -8.16 9.02
N VAL A 260 5.33 -7.39 9.48
CA VAL A 260 5.99 -7.66 10.75
C VAL A 260 5.84 -6.45 11.66
N PRO A 261 5.37 -6.67 12.90
CA PRO A 261 5.23 -5.55 13.84
C PRO A 261 6.58 -4.88 14.13
N VAL A 262 6.54 -3.58 14.35
CA VAL A 262 7.74 -2.84 14.75
C VAL A 262 7.37 -1.97 15.92
N ALA A 263 8.35 -1.66 16.75
CA ALA A 263 8.11 -0.96 18.01
C ALA A 263 9.25 0.01 18.21
N PRO A 264 9.07 1.00 19.09
CA PRO A 264 10.18 1.91 19.35
C PRO A 264 11.44 1.13 19.72
N GLY A 265 12.57 1.53 19.15
CA GLY A 265 13.84 0.87 19.42
C GLY A 265 14.20 -0.12 18.33
N ASP A 266 13.22 -0.51 17.52
CA ASP A 266 13.48 -1.48 16.47
C ASP A 266 14.24 -0.84 15.33
N ASN A 267 15.22 -1.58 14.79
CA ASN A 267 15.86 -1.19 13.55
C ASN A 267 15.60 -2.29 12.55
N ILE A 268 15.35 -1.92 11.32
CA ILE A 268 15.04 -2.94 10.34
C ILE A 268 15.92 -2.74 9.14
N THR A 269 16.24 -3.84 8.48
CA THR A 269 17.01 -3.80 7.25
C THR A 269 16.45 -4.86 6.35
N VAL A 270 16.00 -4.45 5.17
CA VAL A 270 15.45 -5.38 4.22
C VAL A 270 16.37 -5.47 3.02
N ARG A 271 16.88 -6.67 2.75
CA ARG A 271 17.87 -6.84 1.71
C ARG A 271 17.20 -7.30 0.43
N TYR A 272 17.47 -6.60 -0.65
CA TYR A 272 16.88 -6.93 -1.94
C TYR A 272 17.96 -7.51 -2.83
N GLN A 273 17.68 -8.68 -3.41
CA GLN A 273 18.67 -9.36 -4.22
C GLN A 273 19.15 -8.47 -5.36
N GLY A 274 20.44 -8.14 -5.35
CA GLY A 274 21.04 -7.32 -6.39
C GLY A 274 20.63 -5.86 -6.33
N LEU A 275 19.79 -5.50 -5.35
CA LEU A 275 19.25 -4.15 -5.26
C LEU A 275 19.60 -3.43 -3.95
N GLY A 276 20.62 -3.91 -3.25
CA GLY A 276 21.01 -3.26 -2.00
C GLY A 276 19.98 -3.46 -0.91
N SER A 277 19.87 -2.53 0.01
CA SER A 277 18.92 -2.72 1.10
C SER A 277 18.17 -1.45 1.52
N VAL A 278 17.02 -1.65 2.15
CA VAL A 278 16.24 -0.57 2.72
C VAL A 278 16.30 -0.73 4.21
N SER A 279 16.59 0.35 4.92
CA SER A 279 16.58 0.27 6.37
C SER A 279 15.80 1.42 6.98
N ALA A 280 15.43 1.29 8.25
CA ALA A 280 14.69 2.35 8.94
C ALA A 280 14.86 2.14 10.41
N ARG A 281 14.81 3.23 11.16
CA ARG A 281 14.95 3.15 12.61
C ARG A 281 13.65 3.60 13.24
N PHE A 282 13.13 2.80 14.17
CA PHE A 282 11.85 3.12 14.80
C PHE A 282 12.06 3.61 16.21
N ILE A 283 11.46 4.76 16.52
CA ILE A 283 11.66 5.36 17.84
C ILE A 283 10.33 5.68 18.50
MG MG B . 1.87 -2.58 1.22
C1 EDO C . -2.39 -3.79 4.10
O1 EDO C . -1.31 -4.28 3.29
C2 EDO C . -3.57 -3.45 3.20
O2 EDO C . -3.75 -4.54 2.30
C1 EDO D . -12.42 1.06 -7.49
O1 EDO D . -11.28 1.80 -7.99
C2 EDO D . -12.17 -0.43 -7.61
O2 EDO D . -13.20 -1.14 -6.91
C1 EDO E . -10.17 -4.45 10.96
O1 EDO E . -8.96 -4.79 11.63
C2 EDO E . -9.86 -4.10 9.52
O2 EDO E . -8.89 -5.02 9.00
C1 EDO F . -13.04 -4.68 -4.92
O1 EDO F . -12.72 -3.64 -5.87
C2 EDO F . -13.15 -6.00 -5.67
O2 EDO F . -12.71 -7.05 -4.80
C1 EDO G . -2.18 9.78 -7.60
O1 EDO G . -2.54 9.16 -8.85
C2 EDO G . -0.89 9.16 -7.07
O2 EDO G . 0.18 9.53 -7.95
C1 EDO H . 2.31 18.35 3.15
O1 EDO H . 2.78 17.35 4.07
C2 EDO H . 3.48 19.05 2.47
O2 EDO H . 3.07 19.45 1.15
C1 EDO I . -13.46 18.06 1.20
O1 EDO I . -12.28 17.36 1.59
C2 EDO I . -14.51 17.97 2.32
O2 EDO I . -15.75 17.54 1.73
C1 EDO J . 20.58 -4.07 15.11
O1 EDO J . 19.70 -3.51 16.08
C2 EDO J . 19.91 -4.09 13.73
O2 EDO J . 20.16 -2.86 13.02
CL CL K . 7.16 9.41 11.58
CL CL L . -16.69 18.37 -5.34
S SO4 M . -12.76 -8.29 15.73
O1 SO4 M . -13.75 -7.43 15.07
O2 SO4 M . -11.99 -8.97 14.71
O3 SO4 M . -11.83 -7.51 16.55
O4 SO4 M . -13.45 -9.26 16.58
C ACT N . 9.97 -0.77 -25.67
O ACT N . 11.14 -1.18 -25.89
OXT ACT N . 9.20 -1.57 -25.09
CH3 ACT N . 9.53 0.61 -26.07
#